data_4HME
#
_entry.id   4HME
#
_cell.length_a   65.998
_cell.length_b   65.998
_cell.length_c   257.537
_cell.angle_alpha   90.00
_cell.angle_beta   90.00
_cell.angle_gamma   120.00
#
_symmetry.space_group_name_H-M   'P 31 1 2'
#
loop_
_entity.id
_entity.type
_entity.pdbx_description
1 polymer 'Chitinase 60'
2 branched 2-acetamido-2-deoxy-beta-D-glucopyranose-(1-4)-2-acetamido-2-deoxy-beta-D-glucopyranose
3 non-polymer 'SODIUM ION'
4 non-polymer GLYCEROL
5 water water
#
_entity_poly.entity_id   1
_entity_poly.type   'polypeptide(L)'
_entity_poly.pdbx_seq_one_letter_code
;GTITSQDDNVVVGYWHNWCDGRGYQGGNAPCVELKTVNPQYNVVNISFMKVYDIAEGRIPTFKLDPTIALSEAEFIAQID
TLNSQGRSVLIALGGADAHIELTRGDEDALAAEIIRLTDLYGFDGLDIDLEQAAITAKDNQFVIPAALKMVKEHYRKTGD
NFMITMAPEFPYLTANGAYTPYLTELDGYYDFINPQFYNQGGDGLWIEGVGWIAQNNDALKEEFIYYIADSLINGTRNYH
KIPHDKLVFGLPSNIDAAATGYIQDPQDLYKAFDRLKAQGQPLRGVMTWSVNWDMGTDAANNSYNQQFIKDYGNFIHNQL
PPVTDMTPTLSGIVDTRVELDSHFDPLIGITAKDYQGNDITADVTVSGSVNTNQVGDYLLTYSVSSDDETTNQPRKITVY
EILPAFTGITDTTVVIDSEFDPMQGVSASHPTQGDLTANITVTGEVDTNVVGVYELTYQLFYGQDNQQNMTDKRIVTVVT
DAVSDDDWQVGSTYVKDDKVTHNGATWTAQWWTKGEEPGTTGEWGVWR
;
_entity_poly.pdbx_strand_id   A
#
# COMPACT_ATOMS: atom_id res chain seq x y z
N GLY A 1 -28.13 -28.51 -6.26
CA GLY A 1 -27.92 -28.55 -7.72
C GLY A 1 -27.69 -27.14 -8.28
N THR A 2 -28.51 -26.19 -7.83
CA THR A 2 -28.40 -24.78 -8.23
C THR A 2 -27.71 -23.91 -7.15
N ILE A 3 -27.56 -22.61 -7.51
CA ILE A 3 -26.69 -21.76 -6.77
C ILE A 3 -27.36 -21.42 -5.46
N THR A 4 -26.73 -21.89 -4.42
CA THR A 4 -27.22 -21.82 -3.06
C THR A 4 -26.34 -20.78 -2.36
N SER A 5 -26.92 -19.62 -2.07
CA SER A 5 -26.16 -18.58 -1.42
C SER A 5 -26.72 -18.34 0.01
N GLN A 6 -25.94 -17.76 0.89
CA GLN A 6 -26.31 -17.62 2.27
C GLN A 6 -26.72 -16.20 2.54
N ASP A 7 -27.85 -15.96 3.18
CA ASP A 7 -28.17 -14.57 3.56
C ASP A 7 -28.24 -14.36 5.09
N ASP A 8 -27.98 -15.39 5.88
CA ASP A 8 -27.92 -15.21 7.30
C ASP A 8 -26.46 -15.20 7.76
N ASN A 9 -26.24 -15.35 9.06
CA ASN A 9 -24.91 -15.52 9.62
C ASN A 9 -24.28 -16.80 9.13
N VAL A 10 -22.95 -16.77 9.03
CA VAL A 10 -22.21 -17.89 8.45
C VAL A 10 -21.16 -18.38 9.40
N VAL A 11 -20.92 -19.68 9.32
CA VAL A 11 -19.74 -20.31 9.88
C VAL A 11 -19.06 -21.02 8.70
N VAL A 12 -17.93 -20.48 8.23
CA VAL A 12 -17.32 -20.88 7.02
C VAL A 12 -16.21 -21.89 7.48
N GLY A 13 -16.02 -22.96 6.72
CA GLY A 13 -15.00 -23.98 7.01
C GLY A 13 -14.36 -24.39 5.70
N TYR A 14 -13.04 -24.41 5.66
CA TYR A 14 -12.31 -24.84 4.47
C TYR A 14 -12.15 -26.37 4.47
N TRP A 15 -12.20 -26.97 3.29
CA TRP A 15 -12.16 -28.37 3.15
C TRP A 15 -10.91 -28.69 2.34
N HIS A 16 -10.04 -29.60 2.85
CA HIS A 16 -8.78 -29.90 2.14
C HIS A 16 -8.98 -30.84 0.97
N ASN A 17 -8.52 -30.43 -0.20
CA ASN A 17 -8.42 -31.33 -1.33
C ASN A 17 -7.14 -32.18 -1.25
N TRP A 18 -6.86 -32.78 -0.09
CA TRP A 18 -5.71 -33.63 0.05
C TRP A 18 -5.86 -34.35 1.41
N CYS A 19 -5.01 -35.36 1.62
CA CYS A 19 -5.10 -36.22 2.77
C CYS A 19 -3.91 -36.04 3.70
N ASP A 20 -4.13 -36.20 5.00
CA ASP A 20 -3.08 -36.32 5.96
C ASP A 20 -2.14 -35.11 5.98
N GLY A 21 -2.68 -33.92 6.16
CA GLY A 21 -1.80 -32.77 6.31
C GLY A 21 -1.12 -32.78 7.67
N ARG A 22 0.13 -32.33 7.70
CA ARG A 22 0.92 -32.23 8.96
C ARG A 22 0.59 -30.93 9.68
N GLY A 23 0.43 -31.02 11.00
CA GLY A 23 0.08 -29.87 11.80
C GLY A 23 1.30 -29.09 12.23
N TYR A 24 1.09 -27.83 12.58
CA TYR A 24 2.13 -26.98 13.16
C TYR A 24 2.62 -27.57 14.48
N GLN A 25 1.86 -28.47 15.11
CA GLN A 25 2.34 -29.09 16.37
C GLN A 25 2.40 -30.56 16.20
N GLY A 26 2.68 -31.01 14.98
CA GLY A 26 2.82 -32.45 14.71
C GLY A 26 1.53 -33.27 14.65
N GLY A 27 0.38 -32.61 14.63
CA GLY A 27 -0.89 -33.32 14.43
C GLY A 27 -1.06 -33.75 12.96
N ASN A 28 -2.23 -34.31 12.68
CA ASN A 28 -2.62 -34.84 11.36
C ASN A 28 -4.05 -34.49 10.96
N ALA A 29 -4.20 -33.94 9.76
CA ALA A 29 -5.51 -33.56 9.22
C ALA A 29 -5.83 -34.60 8.11
N PRO A 30 -6.71 -35.54 8.43
CA PRO A 30 -7.15 -36.46 7.42
C PRO A 30 -7.99 -35.81 6.37
N CYS A 31 -7.97 -36.34 5.14
CA CYS A 31 -9.09 -35.99 4.25
C CYS A 31 -10.39 -36.58 4.80
N VAL A 32 -11.48 -35.93 4.46
CA VAL A 32 -12.78 -36.33 4.90
C VAL A 32 -13.75 -36.12 3.71
N GLU A 33 -14.79 -36.96 3.68
CA GLU A 33 -15.88 -36.77 2.77
C GLU A 33 -16.69 -35.52 3.09
N LEU A 34 -17.12 -34.83 2.07
CA LEU A 34 -17.87 -33.57 2.26
C LEU A 34 -19.07 -33.81 3.08
N LYS A 35 -19.70 -34.95 2.88
CA LYS A 35 -20.92 -35.25 3.58
C LYS A 35 -20.72 -35.44 5.09
N THR A 36 -19.49 -35.63 5.58
CA THR A 36 -19.34 -35.85 7.01
C THR A 36 -19.08 -34.49 7.69
N VAL A 37 -19.09 -33.39 6.92
CA VAL A 37 -18.83 -32.09 7.52
C VAL A 37 -20.00 -31.69 8.43
N ASN A 38 -19.73 -31.25 9.63
CA ASN A 38 -20.77 -30.81 10.55
C ASN A 38 -21.69 -29.84 9.89
N PRO A 39 -22.98 -30.11 9.98
CA PRO A 39 -24.02 -29.26 9.38
C PRO A 39 -23.92 -27.77 9.73
N GLN A 40 -23.38 -27.45 10.89
CA GLN A 40 -23.38 -26.03 11.27
C GLN A 40 -22.35 -25.21 10.46
N TYR A 41 -21.50 -25.86 9.67
CA TYR A 41 -20.68 -25.18 8.71
C TYR A 41 -21.51 -24.93 7.51
N ASN A 42 -22.19 -23.77 7.44
CA ASN A 42 -23.11 -23.56 6.28
C ASN A 42 -22.43 -23.03 5.01
N VAL A 43 -21.13 -22.76 5.11
CA VAL A 43 -20.27 -22.47 3.90
C VAL A 43 -19.04 -23.36 3.99
N VAL A 44 -18.82 -24.18 2.97
CA VAL A 44 -17.71 -25.08 3.00
C VAL A 44 -16.83 -24.75 1.78
N ASN A 45 -15.54 -24.43 1.97
CA ASN A 45 -14.72 -23.94 0.80
C ASN A 45 -13.75 -25.01 0.31
N ILE A 46 -13.91 -25.46 -0.92
CA ILE A 46 -13.09 -26.51 -1.48
C ILE A 46 -11.72 -25.92 -1.79
N SER A 47 -10.71 -26.47 -1.15
CA SER A 47 -9.36 -25.90 -1.26
C SER A 47 -8.40 -26.81 -2.04
N PHE A 48 -7.90 -26.47 -3.25
CA PHE A 48 -7.90 -25.17 -3.82
C PHE A 48 -7.95 -25.22 -5.32
N MET A 49 -8.47 -24.15 -5.93
CA MET A 49 -8.35 -23.97 -7.39
C MET A 49 -6.97 -23.30 -7.56
N LYS A 50 -6.14 -23.84 -8.46
CA LYS A 50 -4.79 -23.32 -8.69
C LYS A 50 -4.28 -23.81 -10.02
N VAL A 51 -3.02 -23.53 -10.33
CA VAL A 51 -2.43 -24.02 -11.56
C VAL A 51 -1.76 -25.36 -11.17
N TYR A 52 -2.23 -26.44 -11.74
CA TYR A 52 -1.82 -27.76 -11.32
C TYR A 52 -0.61 -28.19 -12.11
N ASP A 53 -0.54 -27.70 -13.34
CA ASP A 53 0.42 -28.12 -14.34
C ASP A 53 0.65 -26.96 -15.29
N ILE A 54 1.80 -26.35 -15.18
CA ILE A 54 2.08 -25.23 -16.06
C ILE A 54 2.13 -25.64 -17.55
N ALA A 55 2.16 -26.93 -17.88
CA ALA A 55 1.88 -27.39 -19.26
C ALA A 55 0.48 -27.00 -19.72
N GLU A 56 -0.48 -26.91 -18.82
CA GLU A 56 -1.84 -26.53 -19.23
C GLU A 56 -2.00 -25.01 -19.40
N GLY A 57 -0.96 -24.26 -19.09
CA GLY A 57 -1.02 -22.81 -19.17
C GLY A 57 -1.25 -22.07 -17.87
N ARG A 58 -1.59 -20.79 -18.00
CA ARG A 58 -1.59 -19.87 -16.87
C ARG A 58 -2.88 -19.89 -16.07
N ILE A 59 -3.98 -20.43 -16.62
CA ILE A 59 -5.32 -20.28 -16.02
C ILE A 59 -5.51 -21.39 -14.95
N PRO A 60 -5.81 -21.01 -13.71
CA PRO A 60 -5.96 -22.07 -12.71
C PRO A 60 -7.18 -22.89 -12.92
N THR A 61 -7.19 -24.06 -12.26
CA THR A 61 -8.28 -24.91 -12.38
C THR A 61 -8.44 -25.69 -11.08
N PHE A 62 -9.35 -26.67 -11.12
CA PHE A 62 -9.55 -27.55 -10.02
C PHE A 62 -9.54 -28.97 -10.44
N LYS A 63 -8.67 -29.78 -9.82
CA LYS A 63 -8.64 -31.24 -10.01
C LYS A 63 -8.78 -32.00 -8.70
N LEU A 64 -9.82 -32.77 -8.56
CA LEU A 64 -10.09 -33.54 -7.31
C LEU A 64 -8.95 -34.50 -6.96
N ASP A 65 -8.43 -34.47 -5.76
CA ASP A 65 -7.42 -35.49 -5.39
C ASP A 65 -8.09 -36.86 -5.29
N PRO A 66 -7.76 -37.73 -6.22
CA PRO A 66 -8.36 -39.07 -6.20
C PRO A 66 -8.09 -39.89 -4.98
N THR A 67 -7.09 -39.55 -4.17
CA THR A 67 -6.77 -40.45 -3.09
C THR A 67 -7.77 -40.19 -1.98
N ILE A 68 -8.60 -39.14 -2.08
CA ILE A 68 -9.70 -38.93 -1.10
C ILE A 68 -10.74 -40.07 -1.30
N ALA A 69 -10.64 -40.79 -2.43
CA ALA A 69 -11.51 -41.93 -2.73
C ALA A 69 -12.95 -41.53 -3.00
N LEU A 70 -13.17 -40.32 -3.43
CA LEU A 70 -14.42 -39.92 -4.06
C LEU A 70 -14.20 -39.84 -5.58
N SER A 71 -15.08 -40.49 -6.33
CA SER A 71 -15.15 -40.34 -7.78
C SER A 71 -15.62 -38.90 -8.07
N GLU A 72 -15.42 -38.46 -9.31
CA GLU A 72 -15.98 -37.17 -9.71
C GLU A 72 -17.49 -37.12 -9.39
N ALA A 73 -18.18 -38.20 -9.76
CA ALA A 73 -19.62 -38.27 -9.68
C ALA A 73 -20.08 -38.21 -8.22
N GLU A 74 -19.35 -38.90 -7.32
CA GLU A 74 -19.73 -38.91 -5.91
C GLU A 74 -19.53 -37.53 -5.25
N PHE A 75 -18.53 -36.81 -5.70
CA PHE A 75 -18.18 -35.56 -5.13
C PHE A 75 -19.23 -34.55 -5.52
N ILE A 76 -19.61 -34.58 -6.77
CA ILE A 76 -20.81 -33.85 -7.26
C ILE A 76 -22.05 -34.23 -6.48
N ALA A 77 -22.23 -35.52 -6.22
CA ALA A 77 -23.36 -35.93 -5.41
C ALA A 77 -23.33 -35.31 -3.98
N GLN A 78 -22.14 -35.21 -3.38
CA GLN A 78 -22.07 -34.73 -1.99
C GLN A 78 -22.27 -33.21 -1.92
N ILE A 79 -21.85 -32.52 -2.97
CA ILE A 79 -22.09 -31.07 -3.07
C ILE A 79 -23.60 -30.85 -3.17
N ASP A 80 -24.20 -31.68 -4.01
CA ASP A 80 -25.64 -31.72 -4.19
C ASP A 80 -26.42 -31.92 -2.91
N THR A 81 -25.95 -32.78 -2.03
CA THR A 81 -26.58 -32.93 -0.71
C THR A 81 -26.42 -31.71 0.18
N LEU A 82 -25.23 -31.12 0.20
CA LEU A 82 -25.06 -29.95 1.03
C LEU A 82 -26.03 -28.86 0.55
N ASN A 83 -26.07 -28.70 -0.78
CA ASN A 83 -27.00 -27.77 -1.35
C ASN A 83 -28.43 -28.10 -0.99
N SER A 84 -28.81 -29.35 -1.09
CA SER A 84 -30.18 -29.67 -0.71
C SER A 84 -30.40 -29.31 0.80
N GLN A 85 -29.34 -29.26 1.60
CA GLN A 85 -29.54 -28.87 2.99
C GLN A 85 -29.46 -27.30 3.14
N GLY A 86 -29.38 -26.54 2.06
CA GLY A 86 -29.37 -25.06 2.13
C GLY A 86 -27.99 -24.48 2.49
N ARG A 87 -26.98 -25.31 2.31
CA ARG A 87 -25.57 -24.99 2.60
C ARG A 87 -24.86 -24.72 1.30
N SER A 88 -23.85 -23.84 1.37
CA SER A 88 -23.11 -23.35 0.22
C SER A 88 -21.78 -24.07 0.11
N VAL A 89 -21.33 -24.37 -1.13
CA VAL A 89 -19.97 -24.88 -1.39
C VAL A 89 -19.25 -23.99 -2.37
N LEU A 90 -18.16 -23.39 -1.88
CA LEU A 90 -17.37 -22.47 -2.66
C LEU A 90 -16.09 -23.14 -3.14
N ILE A 91 -15.54 -22.70 -4.26
CA ILE A 91 -14.22 -23.08 -4.69
C ILE A 91 -13.27 -21.96 -4.25
N ALA A 92 -12.21 -22.34 -3.54
CA ALA A 92 -11.27 -21.39 -2.97
C ALA A 92 -10.13 -21.38 -3.92
N LEU A 93 -9.85 -20.18 -4.39
CA LEU A 93 -8.77 -19.90 -5.30
C LEU A 93 -7.50 -19.51 -4.57
N GLY A 94 -6.45 -20.25 -4.82
CA GLY A 94 -5.13 -19.89 -4.29
C GLY A 94 -4.56 -20.91 -3.31
N GLY A 95 -4.40 -20.47 -2.07
CA GLY A 95 -3.79 -21.31 -1.05
C GLY A 95 -2.35 -20.90 -0.81
N ALA A 96 -1.91 -21.10 0.43
CA ALA A 96 -0.45 -21.04 0.75
C ALA A 96 0.37 -21.83 -0.35
N ASP A 97 1.43 -21.19 -0.88
CA ASP A 97 2.33 -21.70 -1.98
C ASP A 97 1.66 -22.14 -3.24
N ALA A 98 0.53 -21.54 -3.53
CA ALA A 98 -0.07 -21.68 -4.86
C ALA A 98 0.49 -20.53 -5.74
N HIS A 99 0.87 -20.88 -6.97
CA HIS A 99 1.47 -19.94 -7.90
C HIS A 99 0.61 -19.61 -9.12
N ILE A 100 -0.02 -18.45 -8.98
CA ILE A 100 -0.93 -17.90 -9.95
C ILE A 100 -0.30 -16.63 -10.41
N GLU A 101 -0.17 -16.47 -11.73
CA GLU A 101 0.53 -15.32 -12.28
C GLU A 101 -0.14 -14.99 -13.58
N LEU A 102 -1.24 -14.29 -13.49
CA LEU A 102 -2.01 -13.97 -14.68
C LEU A 102 -1.62 -12.65 -15.29
N THR A 103 -1.68 -12.61 -16.62
CA THR A 103 -1.47 -11.37 -17.36
C THR A 103 -2.77 -10.83 -17.98
N ARG A 104 -2.79 -9.52 -18.05
CA ARG A 104 -3.91 -8.75 -18.60
C ARG A 104 -4.37 -9.26 -19.95
N GLY A 105 -5.68 -9.41 -20.16
CA GLY A 105 -6.19 -10.24 -21.25
C GLY A 105 -6.48 -11.69 -20.85
N ASP A 106 -6.00 -12.17 -19.69
CA ASP A 106 -6.33 -13.54 -19.23
C ASP A 106 -7.70 -13.66 -18.64
N GLU A 107 -8.41 -12.55 -18.51
CA GLU A 107 -9.59 -12.55 -17.65
C GLU A 107 -10.82 -13.27 -18.25
N ASP A 108 -10.94 -13.25 -19.57
CA ASP A 108 -12.03 -13.97 -20.20
C ASP A 108 -11.81 -15.46 -20.00
N ALA A 109 -10.58 -15.97 -20.15
CA ALA A 109 -10.35 -17.39 -19.99
C ALA A 109 -10.53 -17.81 -18.50
N LEU A 110 -10.17 -16.92 -17.59
CA LEU A 110 -10.36 -17.24 -16.18
C LEU A 110 -11.87 -17.27 -15.90
N ALA A 111 -12.62 -16.33 -16.50
CA ALA A 111 -14.07 -16.26 -16.18
C ALA A 111 -14.73 -17.56 -16.72
N ALA A 112 -14.30 -18.00 -17.90
CA ALA A 112 -14.88 -19.16 -18.57
C ALA A 112 -14.60 -20.46 -17.78
N GLU A 113 -13.40 -20.63 -17.31
CA GLU A 113 -13.10 -21.82 -16.51
C GLU A 113 -13.85 -21.85 -15.15
N ILE A 114 -14.08 -20.69 -14.55
CA ILE A 114 -14.78 -20.58 -13.22
C ILE A 114 -16.21 -21.04 -13.47
N ILE A 115 -16.74 -20.64 -14.64
CA ILE A 115 -18.12 -20.97 -15.01
C ILE A 115 -18.21 -22.46 -15.32
N ARG A 116 -17.26 -22.99 -16.08
CA ARG A 116 -17.21 -24.42 -16.36
C ARG A 116 -17.24 -25.26 -15.07
N LEU A 117 -16.37 -24.94 -14.15
CA LEU A 117 -16.24 -25.72 -12.96
C LEU A 117 -17.51 -25.56 -12.12
N THR A 118 -18.08 -24.34 -12.09
CA THR A 118 -19.24 -24.05 -11.24
C THR A 118 -20.44 -24.88 -11.72
N ASP A 119 -20.64 -24.85 -13.02
CA ASP A 119 -21.72 -25.60 -13.68
C ASP A 119 -21.48 -27.10 -13.65
N LEU A 120 -20.24 -27.53 -13.71
CA LEU A 120 -19.91 -28.95 -13.61
C LEU A 120 -20.12 -29.48 -12.18
N TYR A 121 -19.51 -28.84 -11.21
CA TYR A 121 -19.50 -29.38 -9.87
C TYR A 121 -20.61 -28.93 -9.03
N GLY A 122 -21.25 -27.83 -9.44
CA GLY A 122 -22.33 -27.24 -8.64
C GLY A 122 -21.88 -26.29 -7.58
N PHE A 123 -20.71 -25.67 -7.72
CA PHE A 123 -20.21 -24.72 -6.73
C PHE A 123 -21.17 -23.50 -6.66
N ASP A 124 -21.20 -22.88 -5.53
CA ASP A 124 -22.12 -21.73 -5.31
C ASP A 124 -21.40 -20.37 -5.34
N GLY A 125 -20.09 -20.37 -5.64
CA GLY A 125 -19.25 -19.15 -5.62
C GLY A 125 -17.78 -19.45 -5.47
N LEU A 126 -17.04 -18.38 -5.23
CA LEU A 126 -15.58 -18.41 -5.16
C LEU A 126 -15.02 -17.51 -4.03
N ASP A 127 -14.06 -18.09 -3.30
CA ASP A 127 -13.28 -17.44 -2.32
C ASP A 127 -11.90 -17.16 -2.88
N ILE A 128 -11.54 -15.88 -2.87
CA ILE A 128 -10.21 -15.36 -3.26
C ILE A 128 -9.27 -15.57 -2.05
N ASP A 129 -8.40 -16.58 -2.12
CA ASP A 129 -7.48 -16.90 -1.03
C ASP A 129 -6.04 -16.89 -1.52
N LEU A 130 -5.67 -15.82 -2.21
CA LEU A 130 -4.31 -15.58 -2.71
C LEU A 130 -3.38 -15.26 -1.55
N GLU A 131 -2.20 -15.83 -1.58
CA GLU A 131 -1.26 -15.52 -0.53
C GLU A 131 0.09 -15.21 -1.07
N GLN A 132 0.91 -14.61 -0.21
CA GLN A 132 2.29 -14.26 -0.54
C GLN A 132 2.31 -13.51 -1.86
N ALA A 133 3.13 -13.99 -2.79
CA ALA A 133 3.40 -13.32 -4.01
C ALA A 133 2.24 -13.36 -4.91
N ALA A 134 1.34 -14.36 -4.73
CA ALA A 134 0.21 -14.47 -5.63
C ALA A 134 -0.68 -13.21 -5.52
N ILE A 135 -0.63 -12.49 -4.39
CA ILE A 135 -1.55 -11.35 -4.24
C ILE A 135 -1.24 -10.29 -5.28
N THR A 136 0.04 -10.10 -5.51
CA THR A 136 0.46 -9.00 -6.30
C THR A 136 1.26 -9.49 -7.53
N ALA A 137 1.26 -10.76 -7.89
CA ALA A 137 2.13 -11.16 -9.03
C ALA A 137 1.49 -10.72 -10.37
N LYS A 138 2.33 -10.51 -11.40
CA LYS A 138 1.95 -9.92 -12.73
C LYS A 138 0.76 -9.02 -12.63
N ASP A 139 -0.35 -9.34 -13.33
CA ASP A 139 -1.57 -8.56 -13.23
C ASP A 139 -2.70 -9.24 -12.49
N ASN A 140 -2.42 -10.08 -11.50
CA ASN A 140 -3.51 -10.74 -10.75
C ASN A 140 -4.50 -9.71 -10.23
N GLN A 141 -3.98 -8.62 -9.72
CA GLN A 141 -4.82 -7.56 -9.11
C GLN A 141 -5.79 -6.93 -10.09
N PHE A 142 -5.53 -7.02 -11.39
CA PHE A 142 -6.53 -6.61 -12.36
C PHE A 142 -7.33 -7.83 -12.92
N VAL A 143 -6.65 -8.92 -13.29
CA VAL A 143 -7.35 -10.04 -13.95
C VAL A 143 -8.44 -10.68 -13.09
N ILE A 144 -8.14 -10.92 -11.81
CA ILE A 144 -9.04 -11.63 -10.97
C ILE A 144 -10.34 -10.88 -10.72
N PRO A 145 -10.26 -9.62 -10.30
CA PRO A 145 -11.57 -8.96 -10.18
C PRO A 145 -12.29 -8.85 -11.49
N ALA A 146 -11.56 -8.64 -12.59
CA ALA A 146 -12.21 -8.49 -13.92
C ALA A 146 -12.94 -9.77 -14.27
N ALA A 147 -12.30 -10.95 -14.07
CA ALA A 147 -12.95 -12.22 -14.42
C ALA A 147 -14.18 -12.37 -13.53
N LEU A 148 -14.02 -12.07 -12.23
CA LEU A 148 -15.13 -12.34 -11.28
C LEU A 148 -16.37 -11.43 -11.50
N LYS A 149 -16.13 -10.22 -11.96
CA LYS A 149 -17.25 -9.37 -12.27
C LYS A 149 -17.97 -9.95 -13.43
N MET A 150 -17.25 -10.47 -14.42
CA MET A 150 -17.96 -11.19 -15.51
C MET A 150 -18.76 -12.46 -15.05
N VAL A 151 -18.16 -13.25 -14.13
CA VAL A 151 -18.86 -14.36 -13.53
C VAL A 151 -20.12 -13.91 -12.72
N LYS A 152 -19.99 -12.96 -11.82
CA LYS A 152 -21.18 -12.49 -11.08
C LYS A 152 -22.33 -12.08 -12.01
N GLU A 153 -22.00 -11.33 -13.07
CA GLU A 153 -23.03 -10.85 -13.97
C GLU A 153 -23.62 -11.98 -14.82
N HIS A 154 -22.77 -12.92 -15.28
CA HIS A 154 -23.27 -14.12 -16.00
C HIS A 154 -24.34 -14.82 -15.22
N TYR A 155 -24.10 -15.05 -13.92
CA TYR A 155 -25.12 -15.71 -13.11
C TYR A 155 -26.24 -14.77 -12.68
N ARG A 156 -25.97 -13.48 -12.50
CA ARG A 156 -27.10 -12.54 -12.18
C ARG A 156 -28.16 -12.50 -13.25
N LYS A 157 -27.75 -12.73 -14.48
CA LYS A 157 -28.71 -12.72 -15.57
C LYS A 157 -29.58 -13.98 -15.62
N THR A 158 -29.32 -15.00 -14.79
CA THR A 158 -30.25 -16.13 -14.63
C THR A 158 -30.85 -16.13 -13.23
N GLY A 159 -30.90 -14.98 -12.57
CA GLY A 159 -31.46 -14.88 -11.21
C GLY A 159 -30.63 -15.52 -10.11
N ASP A 160 -29.36 -15.82 -10.35
CA ASP A 160 -28.49 -16.42 -9.28
C ASP A 160 -27.45 -15.49 -8.69
N ASN A 161 -27.22 -15.59 -7.39
CA ASN A 161 -26.18 -14.84 -6.73
C ASN A 161 -24.99 -15.78 -6.51
N PHE A 162 -24.14 -15.81 -7.51
CA PHE A 162 -22.83 -16.45 -7.36
C PHE A 162 -22.04 -15.73 -6.30
N MET A 163 -21.65 -16.47 -5.24
CA MET A 163 -21.10 -15.80 -4.06
C MET A 163 -19.64 -15.47 -4.33
N ILE A 164 -19.19 -14.34 -3.81
CA ILE A 164 -17.76 -13.98 -3.91
C ILE A 164 -17.39 -13.59 -2.53
N THR A 165 -16.34 -14.26 -2.04
CA THR A 165 -15.77 -14.02 -0.73
C THR A 165 -14.26 -13.86 -0.91
N MET A 166 -13.59 -13.37 0.13
CA MET A 166 -12.10 -13.31 0.18
C MET A 166 -11.54 -13.68 1.54
N ALA A 167 -10.36 -14.32 1.54
CA ALA A 167 -9.63 -14.64 2.78
C ALA A 167 -8.23 -13.94 2.91
N PRO A 168 -8.21 -12.62 2.85
CA PRO A 168 -6.88 -11.97 2.97
C PRO A 168 -6.32 -12.06 4.36
N GLU A 169 -5.03 -12.35 4.46
CA GLU A 169 -4.31 -12.13 5.74
C GLU A 169 -4.48 -10.70 6.22
N PHE A 170 -4.84 -10.50 7.48
CA PHE A 170 -5.30 -9.16 7.87
C PHE A 170 -4.40 -7.94 7.63
N PRO A 171 -3.07 -8.10 7.74
CA PRO A 171 -2.21 -6.89 7.49
C PRO A 171 -2.29 -6.38 6.03
N TYR A 172 -2.78 -7.22 5.10
CA TYR A 172 -2.96 -6.76 3.77
C TYR A 172 -4.16 -5.93 3.57
N LEU A 173 -4.91 -5.67 4.62
CA LEU A 173 -6.14 -4.85 4.54
C LEU A 173 -6.03 -3.41 4.95
N THR A 174 -4.82 -2.92 5.17
CA THR A 174 -4.64 -1.52 5.47
C THR A 174 -4.90 -0.75 4.23
N ALA A 175 -5.07 0.56 4.42
CA ALA A 175 -5.59 1.46 3.42
C ALA A 175 -4.95 1.46 2.05
N ASN A 176 -3.66 1.32 1.94
CA ASN A 176 -3.11 1.17 0.58
C ASN A 176 -2.47 -0.16 0.45
N GLY A 177 -3.01 -1.11 1.19
CA GLY A 177 -2.39 -2.41 1.30
C GLY A 177 -2.65 -3.21 0.06
N ALA A 178 -2.01 -4.39 0.01
CA ALA A 178 -1.94 -5.25 -1.22
C ALA A 178 -3.34 -5.79 -1.65
N TYR A 179 -4.24 -6.01 -0.71
CA TYR A 179 -5.60 -6.43 -1.07
C TYR A 179 -6.58 -5.32 -1.48
N THR A 180 -6.19 -4.02 -1.37
CA THR A 180 -6.96 -2.82 -1.81
C THR A 180 -7.72 -2.98 -3.07
N PRO A 181 -7.05 -3.34 -4.14
CA PRO A 181 -7.61 -3.45 -5.48
C PRO A 181 -8.70 -4.49 -5.56
N TYR A 182 -8.54 -5.56 -4.80
CA TYR A 182 -9.56 -6.56 -4.86
C TYR A 182 -10.83 -6.03 -4.18
N LEU A 183 -10.68 -5.36 -3.07
CA LEU A 183 -11.85 -4.86 -2.36
C LEU A 183 -12.50 -3.75 -3.12
N THR A 184 -11.71 -2.83 -3.65
CA THR A 184 -12.34 -1.69 -4.31
C THR A 184 -13.03 -2.06 -5.59
N GLU A 185 -12.36 -2.83 -6.44
CA GLU A 185 -13.02 -3.31 -7.67
C GLU A 185 -14.27 -4.25 -7.45
N LEU A 186 -14.30 -5.00 -6.39
CA LEU A 186 -15.41 -5.93 -6.14
C LEU A 186 -16.39 -5.40 -5.08
N ASP A 187 -16.19 -4.13 -4.65
CA ASP A 187 -17.17 -3.43 -3.83
C ASP A 187 -18.53 -3.58 -4.53
N GLY A 188 -19.48 -4.19 -3.87
CA GLY A 188 -20.80 -4.40 -4.45
C GLY A 188 -21.02 -5.79 -5.04
N TYR A 189 -19.94 -6.50 -5.35
CA TYR A 189 -20.02 -7.79 -5.92
C TYR A 189 -19.80 -8.84 -4.78
N TYR A 190 -19.00 -8.52 -3.78
CA TYR A 190 -18.59 -9.57 -2.80
C TYR A 190 -19.70 -9.69 -1.79
N ASP A 191 -19.86 -10.89 -1.27
CA ASP A 191 -20.86 -11.21 -0.26
C ASP A 191 -20.35 -11.01 1.15
N PHE A 192 -19.13 -11.41 1.40
CA PHE A 192 -18.50 -11.08 2.67
C PHE A 192 -17.05 -11.41 2.54
N ILE A 193 -16.26 -10.85 3.44
CA ILE A 193 -14.83 -11.12 3.53
C ILE A 193 -14.56 -11.80 4.83
N ASN A 194 -13.72 -12.83 4.75
CA ASN A 194 -13.33 -13.58 5.94
C ASN A 194 -11.82 -13.52 6.05
N PRO A 195 -11.30 -12.42 6.58
CA PRO A 195 -9.87 -12.38 6.70
C PRO A 195 -9.32 -13.42 7.65
N GLN A 196 -8.05 -13.71 7.49
CA GLN A 196 -7.30 -14.58 8.38
C GLN A 196 -6.66 -13.75 9.48
N PHE A 197 -7.13 -13.93 10.70
CA PHE A 197 -6.50 -13.33 11.85
C PHE A 197 -5.59 -14.36 12.53
N TYR A 198 -4.74 -14.94 11.71
CA TYR A 198 -3.81 -15.94 12.16
C TYR A 198 -2.56 -15.94 11.24
N ASN A 199 -1.50 -16.58 11.77
CA ASN A 199 -0.16 -16.73 11.11
C ASN A 199 0.63 -15.42 10.90
N GLN A 200 0.23 -14.35 11.57
CA GLN A 200 0.92 -13.07 11.43
C GLN A 200 1.77 -12.69 12.69
N GLY A 201 1.99 -13.67 13.57
CA GLY A 201 2.76 -13.47 14.81
C GLY A 201 2.43 -12.20 15.59
N GLY A 202 3.41 -11.30 15.70
CA GLY A 202 3.35 -10.12 16.52
C GLY A 202 2.66 -8.92 15.88
N ASP A 203 2.30 -9.03 14.61
CA ASP A 203 1.47 -8.00 13.97
C ASP A 203 0.18 -7.70 14.69
N GLY A 204 -0.31 -6.47 14.54
CA GLY A 204 -1.51 -6.08 15.25
C GLY A 204 -1.70 -4.64 15.17
N LEU A 205 -2.13 -4.03 16.25
CA LEU A 205 -2.35 -2.58 16.25
C LEU A 205 -2.20 -1.91 17.59
N TRP A 206 -1.97 -0.63 17.48
CA TRP A 206 -1.75 0.22 18.60
C TRP A 206 -3.06 0.90 18.95
N ILE A 207 -3.46 0.75 20.20
CA ILE A 207 -4.67 1.39 20.72
C ILE A 207 -4.36 2.23 21.94
N GLU A 208 -4.80 3.47 21.90
CA GLU A 208 -4.57 4.38 23.02
C GLU A 208 -5.18 3.87 24.26
N GLY A 209 -4.41 3.90 25.33
CA GLY A 209 -4.92 3.53 26.61
C GLY A 209 -4.82 2.05 26.79
N VAL A 210 -4.49 1.29 25.76
CA VAL A 210 -4.31 -0.17 25.92
C VAL A 210 -2.86 -0.52 25.59
N GLY A 211 -2.36 0.05 24.51
CA GLY A 211 -1.03 -0.27 24.01
C GLY A 211 -1.06 -1.08 22.72
N TRP A 212 0.00 -1.86 22.51
CA TRP A 212 0.13 -2.66 21.32
C TRP A 212 -0.59 -3.99 21.55
N ILE A 213 -1.48 -4.32 20.63
CA ILE A 213 -2.26 -5.52 20.67
C ILE A 213 -1.86 -6.44 19.54
N ALA A 214 -1.13 -7.49 19.88
CA ALA A 214 -0.56 -8.43 18.89
C ALA A 214 -1.56 -9.58 18.70
N GLN A 215 -1.59 -10.08 17.48
CA GLN A 215 -2.39 -11.21 17.12
C GLN A 215 -1.89 -12.51 17.86
N ASN A 216 -0.63 -12.51 18.31
CA ASN A 216 -0.12 -13.65 19.09
C ASN A 216 -0.15 -13.51 20.57
N ASN A 217 -0.84 -12.47 21.07
CA ASN A 217 -0.91 -12.23 22.51
C ASN A 217 -2.20 -12.81 23.11
N ASP A 218 -2.07 -13.90 23.85
CA ASP A 218 -3.23 -14.55 24.47
C ASP A 218 -3.90 -13.78 25.56
N ALA A 219 -3.14 -12.99 26.28
CA ALA A 219 -3.66 -12.18 27.37
C ALA A 219 -4.56 -11.00 26.88
N LEU A 220 -4.46 -10.62 25.61
CA LEU A 220 -5.31 -9.55 25.07
C LEU A 220 -6.08 -9.98 23.84
N LYS A 221 -6.50 -11.23 23.76
CA LYS A 221 -7.15 -11.72 22.55
C LYS A 221 -8.50 -10.98 22.33
N GLU A 222 -9.25 -10.78 23.42
CA GLU A 222 -10.52 -10.07 23.38
C GLU A 222 -10.30 -8.68 22.72
N GLU A 223 -9.30 -7.97 23.22
CA GLU A 223 -8.89 -6.69 22.64
C GLU A 223 -8.51 -6.77 21.16
N PHE A 224 -7.73 -7.79 20.81
CA PHE A 224 -7.36 -7.97 19.45
C PHE A 224 -8.56 -8.10 18.55
N ILE A 225 -9.46 -9.01 18.92
CA ILE A 225 -10.66 -9.23 18.10
C ILE A 225 -11.50 -7.95 18.05
N TYR A 226 -11.76 -7.30 19.19
CA TYR A 226 -12.67 -6.15 19.17
C TYR A 226 -12.14 -5.00 18.29
N TYR A 227 -10.90 -4.57 18.60
CA TYR A 227 -10.31 -3.41 18.03
C TYR A 227 -9.99 -3.61 16.54
N ILE A 228 -9.57 -4.77 16.15
CA ILE A 228 -9.22 -4.93 14.71
C ILE A 228 -10.52 -4.93 13.93
N ALA A 229 -11.55 -5.59 14.49
CA ALA A 229 -12.85 -5.64 13.85
C ALA A 229 -13.48 -4.23 13.80
N ASP A 230 -13.42 -3.54 14.94
CA ASP A 230 -13.93 -2.15 15.01
C ASP A 230 -13.24 -1.27 13.96
N SER A 231 -11.97 -1.52 13.74
CA SER A 231 -11.24 -0.75 12.78
C SER A 231 -11.71 -1.05 11.36
N LEU A 232 -11.74 -2.35 11.06
CA LEU A 232 -12.31 -2.84 9.80
C LEU A 232 -13.71 -2.30 9.47
N ILE A 233 -14.64 -2.43 10.41
CA ILE A 233 -16.04 -2.17 10.10
C ILE A 233 -16.35 -0.66 10.02
N ASN A 234 -15.40 0.14 10.48
CA ASN A 234 -15.56 1.55 10.41
C ASN A 234 -14.53 2.16 9.46
N GLY A 235 -13.55 1.39 8.98
CA GLY A 235 -12.45 1.98 8.18
C GLY A 235 -11.60 2.96 8.95
N THR A 236 -11.19 2.59 10.15
CA THR A 236 -10.45 3.45 10.98
C THR A 236 -9.15 2.77 11.20
N ARG A 237 -8.26 3.52 11.84
CA ARG A 237 -6.98 3.10 12.25
C ARG A 237 -6.18 2.51 11.12
N ASN A 238 -6.31 3.09 9.94
CA ASN A 238 -5.51 2.66 8.84
C ASN A 238 -5.94 1.35 8.21
N TYR A 239 -7.21 0.94 8.42
CA TYR A 239 -7.79 -0.23 7.69
C TYR A 239 -8.85 0.19 6.66
N HIS A 240 -8.91 -0.50 5.50
N HIS A 240 -8.97 -0.55 5.56
CA HIS A 240 -10.06 -0.44 4.55
CA HIS A 240 -10.08 -0.38 4.59
C HIS A 240 -11.36 -0.77 5.33
C HIS A 240 -11.43 -0.93 5.13
N LYS A 241 -12.49 -0.16 4.93
CA LYS A 241 -13.76 -0.47 5.50
C LYS A 241 -14.34 -1.72 4.90
N ILE A 242 -14.72 -2.66 5.76
CA ILE A 242 -15.57 -3.78 5.38
C ILE A 242 -16.79 -3.73 6.26
N PRO A 243 -18.00 -3.51 5.67
CA PRO A 243 -19.16 -3.34 6.55
C PRO A 243 -19.32 -4.55 7.44
N HIS A 244 -19.88 -4.35 8.64
CA HIS A 244 -19.93 -5.38 9.64
C HIS A 244 -20.78 -6.54 9.21
N ASP A 245 -21.81 -6.26 8.44
CA ASP A 245 -22.66 -7.31 7.86
C ASP A 245 -21.91 -8.12 6.83
N LYS A 246 -20.69 -7.73 6.48
CA LYS A 246 -19.90 -8.48 5.50
C LYS A 246 -18.58 -8.87 6.05
N LEU A 247 -18.46 -8.88 7.40
CA LEU A 247 -17.19 -9.25 7.99
C LEU A 247 -17.28 -10.47 8.81
N VAL A 248 -16.47 -11.45 8.43
CA VAL A 248 -16.50 -12.78 9.00
C VAL A 248 -15.10 -13.05 9.60
N PHE A 249 -15.05 -13.35 10.90
CA PHE A 249 -13.78 -13.45 11.61
C PHE A 249 -13.05 -14.77 11.37
N GLY A 250 -11.96 -14.74 10.63
CA GLY A 250 -11.24 -15.95 10.33
C GLY A 250 -10.22 -16.42 11.37
N LEU A 251 -10.35 -17.70 11.73
CA LEU A 251 -9.55 -18.34 12.79
C LEU A 251 -9.01 -19.74 12.50
N PRO A 252 -7.93 -20.13 13.21
CA PRO A 252 -7.54 -21.53 13.21
C PRO A 252 -8.46 -22.34 14.06
N SER A 253 -8.61 -23.59 13.65
CA SER A 253 -9.50 -24.50 14.32
C SER A 253 -8.86 -24.92 15.63
N ASN A 254 -7.55 -25.05 15.65
CA ASN A 254 -6.82 -25.55 16.82
C ASN A 254 -5.33 -25.21 16.66
N ILE A 255 -4.48 -25.60 17.62
CA ILE A 255 -3.10 -25.19 17.52
C ILE A 255 -2.34 -25.87 16.37
N ASP A 256 -2.86 -27.00 15.84
CA ASP A 256 -2.14 -27.64 14.68
C ASP A 256 -2.48 -26.94 13.35
N ALA A 257 -3.62 -26.22 13.30
CA ALA A 257 -4.11 -25.61 12.04
C ALA A 257 -3.33 -24.41 11.52
N ALA A 258 -2.55 -23.82 12.40
CA ALA A 258 -1.86 -22.58 12.15
C ALA A 258 -0.73 -22.40 13.20
N ALA A 259 0.33 -21.67 12.83
CA ALA A 259 1.43 -21.28 13.74
C ALA A 259 0.96 -20.43 14.94
N THR A 260 0.19 -19.39 14.68
CA THR A 260 -0.29 -18.52 15.78
C THR A 260 -1.70 -18.07 15.42
N GLY A 261 -2.43 -17.56 16.41
CA GLY A 261 -3.77 -17.03 16.17
C GLY A 261 -4.91 -17.79 16.81
N TYR A 262 -4.64 -19.04 17.23
CA TYR A 262 -5.65 -19.85 17.90
C TYR A 262 -6.19 -19.20 19.15
N ILE A 263 -7.52 -19.22 19.34
CA ILE A 263 -8.13 -18.60 20.55
C ILE A 263 -8.21 -19.67 21.60
N GLN A 264 -7.43 -19.50 22.64
CA GLN A 264 -7.43 -20.45 23.74
C GLN A 264 -8.72 -20.40 24.55
N ASP A 265 -9.27 -19.21 24.80
CA ASP A 265 -10.47 -19.06 25.59
C ASP A 265 -11.49 -18.39 24.72
N PRO A 266 -12.46 -19.16 24.25
CA PRO A 266 -13.54 -18.73 23.40
C PRO A 266 -14.32 -17.56 24.02
N GLN A 267 -14.33 -17.47 25.33
CA GLN A 267 -15.00 -16.33 26.02
C GLN A 267 -14.47 -15.02 25.43
N ASP A 268 -13.19 -14.98 24.99
CA ASP A 268 -12.61 -13.71 24.48
C ASP A 268 -13.34 -13.32 23.19
N LEU A 269 -13.68 -14.32 22.39
CA LEU A 269 -14.50 -14.05 21.20
C LEU A 269 -15.95 -13.71 21.50
N TYR A 270 -16.57 -14.43 22.43
CA TYR A 270 -17.96 -14.13 22.73
C TYR A 270 -18.07 -12.66 23.17
N LYS A 271 -17.13 -12.29 24.02
CA LYS A 271 -17.13 -10.95 24.60
C LYS A 271 -16.86 -9.84 23.60
N ALA A 272 -15.90 -10.07 22.72
CA ALA A 272 -15.64 -9.16 21.63
C ALA A 272 -16.84 -8.96 20.69
N PHE A 273 -17.40 -10.07 20.24
CA PHE A 273 -18.58 -9.99 19.39
C PHE A 273 -19.69 -9.26 20.07
N ASP A 274 -19.87 -9.57 21.35
CA ASP A 274 -20.88 -8.90 22.09
C ASP A 274 -20.62 -7.43 22.12
N ARG A 275 -19.37 -6.98 22.33
CA ARG A 275 -19.17 -5.57 22.40
C ARG A 275 -19.50 -4.91 21.03
N LEU A 276 -19.14 -5.61 19.97
CA LEU A 276 -19.44 -5.12 18.65
C LEU A 276 -20.96 -5.00 18.42
N LYS A 277 -21.70 -5.94 18.98
CA LYS A 277 -23.15 -5.93 18.86
C LYS A 277 -23.72 -4.78 19.70
N ALA A 278 -23.08 -4.48 20.81
CA ALA A 278 -23.53 -3.40 21.66
C ALA A 278 -23.36 -2.03 21.03
N GLN A 279 -22.49 -1.89 20.05
CA GLN A 279 -22.34 -0.60 19.40
C GLN A 279 -23.08 -0.63 18.07
N GLY A 280 -23.99 -1.60 17.94
CA GLY A 280 -24.84 -1.70 16.78
C GLY A 280 -24.12 -2.22 15.55
N GLN A 281 -23.01 -2.91 15.68
CA GLN A 281 -22.28 -3.38 14.50
C GLN A 281 -21.90 -4.86 14.64
N PRO A 282 -22.90 -5.74 14.80
CA PRO A 282 -22.52 -7.17 14.95
C PRO A 282 -21.98 -7.69 13.63
N LEU A 283 -21.02 -8.59 13.75
CA LEU A 283 -20.36 -9.28 12.66
C LEU A 283 -21.25 -10.37 12.07
N ARG A 284 -20.81 -10.79 10.92
CA ARG A 284 -21.56 -11.65 10.05
C ARG A 284 -21.26 -13.11 10.39
N GLY A 285 -20.15 -13.33 11.12
CA GLY A 285 -19.85 -14.73 11.48
C GLY A 285 -18.43 -15.07 11.76
N VAL A 286 -18.06 -16.37 11.63
CA VAL A 286 -16.65 -16.79 11.75
C VAL A 286 -16.29 -17.70 10.64
N MET A 287 -15.00 -17.82 10.45
CA MET A 287 -14.43 -18.70 9.45
C MET A 287 -13.29 -19.52 10.11
N THR A 288 -13.04 -20.74 9.65
CA THR A 288 -11.94 -21.51 10.15
C THR A 288 -11.20 -22.28 9.11
N TRP A 289 -9.87 -22.24 9.27
CA TRP A 289 -8.96 -23.21 8.68
C TRP A 289 -8.81 -24.26 9.81
N SER A 290 -9.50 -25.40 9.69
CA SER A 290 -10.29 -25.87 8.61
C SER A 290 -11.20 -27.00 9.16
N VAL A 291 -12.10 -27.51 8.36
CA VAL A 291 -12.98 -28.58 8.87
C VAL A 291 -12.15 -29.85 9.04
N ASN A 292 -11.19 -30.11 8.17
CA ASN A 292 -10.31 -31.27 8.37
C ASN A 292 -9.49 -31.20 9.69
N TRP A 293 -8.96 -30.00 10.00
CA TRP A 293 -8.33 -29.79 11.25
C TRP A 293 -9.29 -30.03 12.46
N ASP A 294 -10.50 -29.51 12.38
CA ASP A 294 -11.52 -29.64 13.44
C ASP A 294 -11.91 -31.08 13.65
N MET A 295 -11.70 -31.87 12.59
CA MET A 295 -11.91 -33.33 12.61
C MET A 295 -10.58 -34.17 12.63
N GLY A 296 -9.50 -33.53 13.02
CA GLY A 296 -8.21 -34.20 13.01
C GLY A 296 -7.76 -34.76 14.35
N THR A 297 -6.46 -34.98 14.44
CA THR A 297 -5.84 -35.51 15.65
C THR A 297 -4.60 -34.67 15.89
N ASP A 298 -4.22 -34.60 17.14
CA ASP A 298 -2.95 -33.99 17.55
C ASP A 298 -1.84 -35.04 17.55
N ALA A 299 -0.69 -34.60 18.00
CA ALA A 299 0.55 -35.37 17.99
C ALA A 299 0.45 -36.61 18.85
N ALA A 300 -0.51 -36.67 19.78
CA ALA A 300 -0.60 -37.79 20.70
C ALA A 300 -1.67 -38.72 20.16
N ASN A 301 -2.04 -38.50 18.90
CA ASN A 301 -3.18 -39.14 18.27
C ASN A 301 -4.56 -38.95 18.93
N ASN A 302 -4.74 -37.88 19.69
CA ASN A 302 -6.03 -37.55 20.22
C ASN A 302 -6.87 -36.74 19.25
N SER A 303 -8.15 -37.08 19.16
CA SER A 303 -9.04 -36.46 18.22
C SER A 303 -9.34 -35.09 18.71
N TYR A 304 -9.28 -34.12 17.81
CA TYR A 304 -9.80 -32.82 18.17
C TYR A 304 -11.33 -32.81 18.38
N ASN A 305 -12.03 -33.75 17.77
CA ASN A 305 -13.45 -33.91 18.08
C ASN A 305 -14.36 -32.72 17.95
N GLN A 306 -14.14 -31.94 16.90
CA GLN A 306 -15.10 -30.85 16.56
C GLN A 306 -15.09 -29.68 17.52
N GLN A 307 -13.95 -29.48 18.19
CA GLN A 307 -13.91 -28.49 19.29
C GLN A 307 -14.21 -27.07 18.81
N PHE A 308 -13.81 -26.74 17.59
CA PHE A 308 -14.09 -25.39 17.06
C PHE A 308 -15.60 -25.11 16.86
N ILE A 309 -16.29 -26.02 16.19
CA ILE A 309 -17.73 -25.86 15.94
C ILE A 309 -18.48 -26.00 17.23
N LYS A 310 -17.89 -26.76 18.18
CA LYS A 310 -18.49 -26.82 19.53
C LYS A 310 -18.40 -25.44 20.16
N ASP A 311 -17.27 -24.73 20.00
CA ASP A 311 -17.12 -23.46 20.69
C ASP A 311 -17.89 -22.29 20.00
N TYR A 312 -18.00 -22.33 18.68
CA TYR A 312 -18.58 -21.20 17.96
C TYR A 312 -19.91 -21.39 17.19
N GLY A 313 -20.23 -22.65 16.85
CA GLY A 313 -21.39 -22.91 15.96
C GLY A 313 -22.67 -22.30 16.49
N ASN A 314 -23.06 -22.75 17.67
CA ASN A 314 -24.29 -22.25 18.25
C ASN A 314 -24.23 -20.74 18.52
N PHE A 315 -23.08 -20.28 19.01
CA PHE A 315 -22.94 -18.89 19.38
C PHE A 315 -23.18 -18.03 18.11
N ILE A 316 -22.63 -18.40 16.98
CA ILE A 316 -22.84 -17.59 15.73
C ILE A 316 -24.24 -17.72 15.13
N HIS A 317 -24.73 -18.97 15.03
CA HIS A 317 -26.01 -19.22 14.46
C HIS A 317 -27.14 -18.66 15.31
N ASN A 318 -27.00 -18.55 16.62
CA ASN A 318 -28.04 -17.97 17.43
C ASN A 318 -28.05 -16.41 17.40
N GLN A 319 -27.38 -15.76 16.47
CA GLN A 319 -27.48 -14.31 16.40
C GLN A 319 -28.62 -13.93 15.51
N LEU A 320 -29.15 -12.73 15.70
CA LEU A 320 -30.09 -12.16 14.78
C LEU A 320 -29.55 -12.11 13.36
N PRO A 321 -30.47 -12.17 12.42
CA PRO A 321 -30.00 -12.01 11.00
C PRO A 321 -29.26 -10.69 10.80
N PRO A 322 -28.37 -10.64 9.82
CA PRO A 322 -27.66 -9.40 9.54
C PRO A 322 -28.54 -8.30 8.97
N VAL A 323 -28.18 -7.06 9.15
CA VAL A 323 -28.97 -5.92 8.61
C VAL A 323 -28.03 -5.25 7.63
N THR A 324 -28.34 -5.30 6.35
CA THR A 324 -27.44 -4.73 5.32
C THR A 324 -27.06 -3.28 5.48
N ASP A 325 -25.76 -3.02 5.52
CA ASP A 325 -25.24 -1.66 5.52
C ASP A 325 -25.34 -1.24 4.03
N MET A 326 -26.22 -0.28 3.72
CA MET A 326 -26.48 0.11 2.32
C MET A 326 -25.83 1.46 1.97
N THR A 327 -24.95 1.93 2.85
CA THR A 327 -24.25 3.16 2.62
C THR A 327 -23.39 2.98 1.36
N PRO A 328 -23.31 4.03 0.55
CA PRO A 328 -22.48 3.98 -0.65
C PRO A 328 -20.98 4.19 -0.38
N THR A 329 -20.17 3.87 -1.40
CA THR A 329 -18.71 3.99 -1.29
C THR A 329 -18.18 5.14 -2.15
N LEU A 330 -17.14 5.78 -1.62
CA LEU A 330 -16.43 6.87 -2.22
C LEU A 330 -15.00 6.33 -2.44
N SER A 331 -14.37 6.75 -3.51
CA SER A 331 -13.04 6.23 -3.80
C SER A 331 -12.15 7.26 -4.55
N GLY A 332 -10.87 7.16 -4.26
CA GLY A 332 -9.91 8.11 -4.77
C GLY A 332 -9.68 9.37 -3.95
N ILE A 333 -10.30 9.54 -2.77
CA ILE A 333 -10.19 10.81 -2.00
C ILE A 333 -8.94 10.75 -1.15
N VAL A 334 -7.92 11.54 -1.52
CA VAL A 334 -6.68 11.49 -0.79
C VAL A 334 -6.19 12.87 -0.62
N ASP A 335 -5.47 13.15 0.46
CA ASP A 335 -4.94 14.50 0.60
C ASP A 335 -3.91 14.73 -0.48
N THR A 336 -3.94 15.92 -1.03
CA THR A 336 -3.18 16.21 -2.23
C THR A 336 -2.52 17.60 -2.09
N ARG A 337 -1.35 17.76 -2.68
CA ARG A 337 -0.68 19.07 -2.71
C ARG A 337 -0.80 19.61 -4.12
N VAL A 338 -1.01 20.91 -4.21
CA VAL A 338 -1.21 21.60 -5.47
C VAL A 338 -0.31 22.85 -5.48
N GLU A 339 0.44 23.00 -6.57
CA GLU A 339 1.32 24.16 -6.73
C GLU A 339 0.50 25.41 -6.86
N LEU A 340 0.95 26.44 -6.17
CA LEU A 340 0.45 27.78 -6.33
C LEU A 340 0.20 28.13 -7.84
N ASP A 341 -0.99 28.67 -8.10
CA ASP A 341 -1.50 29.05 -9.43
C ASP A 341 -1.66 27.90 -10.47
N SER A 342 -1.72 26.65 -10.03
CA SER A 342 -2.09 25.56 -10.97
C SER A 342 -3.62 25.51 -11.08
N HIS A 343 -4.15 24.78 -12.07
CA HIS A 343 -5.59 24.46 -12.12
C HIS A 343 -5.85 23.20 -11.27
N PHE A 344 -6.75 23.30 -10.31
CA PHE A 344 -7.17 22.11 -9.56
C PHE A 344 -8.65 21.81 -9.80
N ASP A 345 -8.92 20.55 -10.17
CA ASP A 345 -10.27 20.11 -10.38
C ASP A 345 -10.65 19.08 -9.31
N PRO A 346 -11.55 19.45 -8.39
CA PRO A 346 -11.92 18.62 -7.22
C PRO A 346 -12.48 17.24 -7.53
N LEU A 347 -12.96 17.05 -8.75
CA LEU A 347 -13.58 15.82 -9.15
C LEU A 347 -12.64 14.86 -9.85
N ILE A 348 -11.50 15.33 -10.34
CA ILE A 348 -10.60 14.42 -11.03
C ILE A 348 -10.16 13.36 -10.04
N GLY A 349 -10.16 12.13 -10.48
CA GLY A 349 -9.72 11.01 -9.67
C GLY A 349 -10.79 10.40 -8.76
N ILE A 350 -11.89 11.10 -8.52
CA ILE A 350 -12.82 10.65 -7.53
C ILE A 350 -13.94 9.83 -8.15
N THR A 351 -14.23 8.66 -7.58
CA THR A 351 -15.38 7.84 -8.05
C THR A 351 -16.27 7.39 -6.88
N ALA A 352 -17.39 6.78 -7.19
CA ALA A 352 -18.34 6.35 -6.16
C ALA A 352 -19.18 5.20 -6.65
N LYS A 353 -19.62 4.36 -5.70
CA LYS A 353 -20.42 3.23 -6.02
C LYS A 353 -21.50 3.13 -4.92
N ASP A 354 -22.68 2.60 -5.29
CA ASP A 354 -23.68 2.25 -4.29
C ASP A 354 -23.43 0.84 -3.73
N TYR A 355 -24.23 0.46 -2.75
CA TYR A 355 -23.89 -0.70 -1.95
C TYR A 355 -23.98 -1.98 -2.76
N GLN A 356 -24.45 -1.85 -4.00
CA GLN A 356 -24.52 -2.96 -4.92
C GLN A 356 -23.50 -2.94 -6.10
N GLY A 357 -22.57 -1.99 -6.09
CA GLY A 357 -21.52 -1.94 -7.11
C GLY A 357 -21.77 -0.97 -8.25
N ASN A 358 -22.95 -0.36 -8.30
CA ASN A 358 -23.27 0.51 -9.41
C ASN A 358 -22.51 1.80 -9.30
N ASP A 359 -21.93 2.25 -10.41
CA ASP A 359 -21.20 3.50 -10.48
C ASP A 359 -22.17 4.64 -10.14
N ILE A 360 -21.82 5.53 -9.24
CA ILE A 360 -22.71 6.64 -8.94
C ILE A 360 -21.83 7.85 -8.85
N THR A 361 -20.78 7.82 -9.65
CA THR A 361 -19.79 8.84 -9.59
C THR A 361 -20.34 10.19 -9.89
N ALA A 362 -21.30 10.29 -10.77
CA ALA A 362 -21.88 11.66 -11.13
C ALA A 362 -22.82 12.19 -10.03
N ASP A 363 -23.16 11.34 -9.08
CA ASP A 363 -23.99 11.79 -8.03
C ASP A 363 -23.18 12.50 -6.96
N VAL A 364 -21.86 12.40 -7.04
CA VAL A 364 -20.99 12.99 -6.01
C VAL A 364 -21.08 14.51 -6.04
N THR A 365 -21.17 15.11 -4.87
CA THR A 365 -21.02 16.57 -4.74
C THR A 365 -19.84 16.94 -3.80
N VAL A 366 -19.36 18.18 -3.89
CA VAL A 366 -18.22 18.71 -3.08
C VAL A 366 -18.54 20.05 -2.43
N SER A 367 -18.16 20.22 -1.18
CA SER A 367 -18.42 21.44 -0.49
C SER A 367 -17.08 22.06 -0.13
N GLY A 368 -16.99 23.39 -0.13
CA GLY A 368 -15.75 24.12 0.15
C GLY A 368 -14.94 24.31 -1.12
N SER A 369 -13.91 25.15 -1.11
CA SER A 369 -13.22 25.43 -2.36
C SER A 369 -11.76 25.71 -2.13
N VAL A 370 -10.99 25.54 -3.20
CA VAL A 370 -9.56 25.73 -3.14
C VAL A 370 -9.19 26.92 -4.01
N ASN A 371 -8.47 27.84 -3.40
CA ASN A 371 -7.83 28.98 -4.08
C ASN A 371 -6.34 28.70 -4.28
N THR A 372 -6.01 28.30 -5.52
CA THR A 372 -4.65 27.90 -5.88
C THR A 372 -3.78 29.11 -6.15
N ASN A 373 -4.35 30.30 -6.03
CA ASN A 373 -3.58 31.55 -6.10
C ASN A 373 -3.01 31.92 -4.73
N GLN A 374 -3.46 31.25 -3.66
CA GLN A 374 -2.95 31.49 -2.29
C GLN A 374 -2.47 30.18 -1.62
N VAL A 375 -1.24 30.17 -1.10
CA VAL A 375 -0.70 29.03 -0.35
C VAL A 375 -1.51 28.70 0.92
N GLY A 376 -1.46 27.45 1.37
CA GLY A 376 -2.24 27.03 2.54
C GLY A 376 -3.04 25.75 2.34
N ASP A 377 -3.67 25.32 3.42
CA ASP A 377 -4.60 24.16 3.44
C ASP A 377 -6.06 24.50 3.08
N TYR A 378 -6.67 23.70 2.24
CA TYR A 378 -8.08 23.89 2.01
C TYR A 378 -8.77 22.55 2.25
N LEU A 379 -9.83 22.59 3.05
CA LEU A 379 -10.56 21.39 3.42
C LEU A 379 -11.86 21.27 2.63
N LEU A 380 -12.06 20.12 2.00
CA LEU A 380 -13.26 19.88 1.22
C LEU A 380 -14.02 18.73 1.83
N THR A 381 -15.31 18.65 1.48
CA THR A 381 -16.18 17.56 1.91
C THR A 381 -16.84 17.02 0.68
N TYR A 382 -16.63 15.73 0.47
CA TYR A 382 -17.33 14.99 -0.56
C TYR A 382 -18.57 14.28 0.02
N SER A 383 -19.63 14.20 -0.77
CA SER A 383 -20.80 13.47 -0.32
C SER A 383 -21.39 12.84 -1.50
N VAL A 384 -22.00 11.70 -1.27
CA VAL A 384 -22.87 11.05 -2.24
C VAL A 384 -23.90 10.25 -1.44
N SER A 385 -25.11 10.21 -1.94
CA SER A 385 -26.21 9.54 -1.33
C SER A 385 -26.79 8.56 -2.32
N SER A 386 -27.25 7.43 -1.80
CA SER A 386 -27.91 6.43 -2.61
C SER A 386 -28.62 5.49 -1.63
N ASP A 387 -29.76 4.93 -2.05
CA ASP A 387 -30.53 3.99 -1.26
C ASP A 387 -30.80 4.54 0.13
N ASP A 388 -31.16 5.80 0.20
CA ASP A 388 -31.44 6.50 1.45
C ASP A 388 -30.32 6.55 2.47
N GLU A 389 -29.07 6.48 2.03
CA GLU A 389 -27.93 6.73 2.89
C GLU A 389 -27.09 7.73 2.22
N THR A 390 -26.21 8.33 3.02
CA THR A 390 -25.20 9.26 2.53
C THR A 390 -23.86 8.87 3.08
N THR A 391 -22.81 8.97 2.27
CA THR A 391 -21.46 8.85 2.79
C THR A 391 -20.79 10.15 2.58
N ASN A 392 -20.06 10.55 3.60
CA ASN A 392 -19.31 11.79 3.55
C ASN A 392 -17.86 11.48 3.86
N GLN A 393 -16.97 12.14 3.14
CA GLN A 393 -15.59 12.01 3.48
C GLN A 393 -14.83 13.32 3.18
N PRO A 394 -13.91 13.69 4.06
CA PRO A 394 -13.19 14.95 3.89
C PRO A 394 -11.88 14.82 3.11
N ARG A 395 -11.34 15.95 2.66
CA ARG A 395 -10.10 15.93 1.90
C ARG A 395 -9.38 17.21 2.10
N LYS A 396 -8.07 17.12 2.29
CA LYS A 396 -7.24 18.25 2.57
C LYS A 396 -6.41 18.50 1.31
N ILE A 397 -6.52 19.71 0.75
CA ILE A 397 -5.74 20.13 -0.40
C ILE A 397 -4.84 21.25 0.10
N THR A 398 -3.54 20.98 0.13
CA THR A 398 -2.52 21.97 0.47
C THR A 398 -1.91 22.65 -0.77
N VAL A 399 -1.98 23.99 -0.88
CA VAL A 399 -1.37 24.79 -1.99
C VAL A 399 0.02 25.21 -1.51
N TYR A 400 1.03 24.84 -2.28
CA TYR A 400 2.38 25.06 -1.88
C TYR A 400 3.12 25.79 -2.96
N GLU A 401 4.34 26.21 -2.65
CA GLU A 401 5.23 26.80 -3.65
C GLU A 401 6.61 26.20 -3.62
N ILE A 402 7.31 26.50 -4.70
CA ILE A 402 8.58 25.90 -4.97
C ILE A 402 9.54 27.02 -5.32
N LEU A 403 10.72 26.96 -4.71
CA LEU A 403 11.82 27.82 -5.05
C LEU A 403 12.33 27.54 -6.43
N PRO A 404 12.77 28.60 -7.16
CA PRO A 404 13.53 28.41 -8.36
C PRO A 404 14.97 28.19 -7.96
N ALA A 405 15.78 27.83 -8.95
CA ALA A 405 17.18 27.65 -8.78
C ALA A 405 17.97 28.40 -9.89
N PHE A 406 19.08 28.97 -9.40
CA PHE A 406 20.17 29.56 -10.12
C PHE A 406 21.09 28.48 -10.55
N THR A 407 21.74 28.65 -11.67
CA THR A 407 22.90 27.81 -11.93
C THR A 407 23.94 28.71 -12.58
N GLY A 408 25.19 28.26 -12.54
CA GLY A 408 26.30 29.00 -13.14
C GLY A 408 26.90 30.12 -12.32
N ILE A 409 26.57 30.21 -11.04
CA ILE A 409 27.04 31.33 -10.24
C ILE A 409 28.17 30.86 -9.35
N THR A 410 29.32 30.76 -9.97
CA THR A 410 30.46 30.24 -9.30
C THR A 410 31.68 31.17 -9.56
N ASP A 411 32.47 31.30 -8.49
CA ASP A 411 33.63 32.15 -8.47
C ASP A 411 34.52 31.78 -9.62
N THR A 412 35.18 32.77 -10.18
CA THR A 412 35.95 32.53 -11.36
C THR A 412 37.11 33.55 -11.50
N THR A 413 38.13 33.10 -12.23
CA THR A 413 39.37 33.86 -12.46
C THR A 413 39.49 34.06 -13.93
N VAL A 414 39.72 35.29 -14.33
CA VAL A 414 39.90 35.64 -15.72
C VAL A 414 41.18 36.50 -15.86
N VAL A 415 41.70 36.53 -17.09
CA VAL A 415 42.97 37.12 -17.39
C VAL A 415 42.74 38.57 -17.73
N ILE A 416 43.66 39.41 -17.31
CA ILE A 416 43.57 40.80 -17.58
C ILE A 416 43.29 41.01 -19.10
N ASP A 417 42.39 41.95 -19.39
CA ASP A 417 41.96 42.34 -20.72
C ASP A 417 41.15 41.35 -21.51
N SER A 418 40.71 40.26 -20.92
CA SER A 418 39.78 39.43 -21.59
C SER A 418 38.37 40.05 -21.59
N GLU A 419 37.46 39.41 -22.29
CA GLU A 419 36.07 39.79 -22.35
C GLU A 419 35.40 39.09 -21.26
N PHE A 420 34.53 39.78 -20.56
CA PHE A 420 33.79 39.12 -19.52
C PHE A 420 32.34 39.51 -19.56
N ASP A 421 31.50 38.50 -19.69
CA ASP A 421 30.07 38.65 -19.70
C ASP A 421 29.57 38.05 -18.41
N PRO A 422 28.96 38.90 -17.53
CA PRO A 422 28.49 38.41 -16.21
C PRO A 422 27.39 37.33 -16.29
N MET A 423 26.68 37.28 -17.41
CA MET A 423 25.57 36.32 -17.65
C MET A 423 25.98 35.07 -18.42
N GLN A 424 27.19 35.00 -18.94
CA GLN A 424 27.62 33.81 -19.66
C GLN A 424 27.58 32.64 -18.69
N GLY A 425 26.86 31.56 -19.03
CA GLY A 425 26.81 30.38 -18.18
C GLY A 425 25.91 30.48 -16.93
N VAL A 426 25.21 31.60 -16.79
CA VAL A 426 24.31 31.80 -15.67
C VAL A 426 22.89 31.59 -16.19
N SER A 427 22.04 30.97 -15.37
CA SER A 427 20.62 30.87 -15.75
C SER A 427 19.83 30.63 -14.51
N ALA A 428 18.52 30.68 -14.66
CA ALA A 428 17.67 30.31 -13.55
C ALA A 428 16.45 29.58 -14.11
N SER A 429 15.81 28.79 -13.26
CA SER A 429 14.56 28.14 -13.62
C SER A 429 13.66 27.81 -12.44
N HIS A 430 12.45 27.47 -12.81
CA HIS A 430 11.39 27.13 -11.89
C HIS A 430 10.58 26.00 -12.52
N PRO A 431 10.19 25.02 -11.73
CA PRO A 431 9.33 23.91 -12.26
C PRO A 431 8.10 24.34 -13.15
N THR A 432 7.31 25.27 -12.63
CA THR A 432 6.17 25.91 -13.33
C THR A 432 6.50 26.95 -14.34
N GLN A 433 7.22 27.98 -13.88
CA GLN A 433 7.38 29.18 -14.67
C GLN A 433 8.39 28.85 -15.72
N GLY A 434 9.17 27.80 -15.50
CA GLY A 434 10.24 27.51 -16.45
C GLY A 434 11.49 28.44 -16.38
N ASP A 435 11.94 28.88 -17.54
CA ASP A 435 13.14 29.71 -17.68
C ASP A 435 12.98 31.08 -17.01
N LEU A 436 13.88 31.41 -16.10
CA LEU A 436 13.85 32.68 -15.45
C LEU A 436 15.16 33.43 -15.67
N THR A 437 15.87 33.12 -16.76
CA THR A 437 17.18 33.69 -16.99
C THR A 437 17.08 35.20 -17.25
N ALA A 438 16.07 35.61 -18.03
CA ALA A 438 15.71 37.02 -18.21
C ALA A 438 15.29 37.72 -16.93
N ASN A 439 15.07 37.02 -15.83
CA ASN A 439 14.68 37.66 -14.57
C ASN A 439 15.84 37.90 -13.62
N ILE A 440 17.06 37.71 -14.12
CA ILE A 440 18.25 37.91 -13.31
C ILE A 440 18.85 39.31 -13.57
N THR A 441 19.09 40.12 -12.54
CA THR A 441 19.87 41.34 -12.64
C THR A 441 21.17 41.09 -11.93
N VAL A 442 22.12 41.98 -12.19
CA VAL A 442 23.54 41.87 -11.68
C VAL A 442 23.88 43.17 -11.04
N THR A 443 24.29 43.16 -9.79
CA THR A 443 24.76 44.40 -9.18
C THR A 443 26.29 44.29 -9.08
N GLY A 444 26.97 45.35 -9.46
CA GLY A 444 28.43 45.41 -9.50
C GLY A 444 28.97 45.09 -10.89
N GLU A 445 30.22 45.46 -11.14
CA GLU A 445 30.91 45.16 -12.39
C GLU A 445 32.29 44.66 -12.26
N VAL A 446 32.78 44.07 -13.35
CA VAL A 446 34.15 43.58 -13.42
C VAL A 446 34.90 44.46 -14.42
N ASP A 447 36.06 44.98 -14.01
CA ASP A 447 36.88 45.72 -14.92
C ASP A 447 38.12 44.85 -15.26
N THR A 448 38.09 44.21 -16.42
CA THR A 448 39.16 43.24 -16.74
C THR A 448 40.46 43.95 -17.17
N ASN A 449 40.43 45.28 -17.30
CA ASN A 449 41.67 46.05 -17.56
C ASN A 449 42.46 46.30 -16.25
N VAL A 450 41.89 45.91 -15.10
CA VAL A 450 42.51 46.28 -13.81
C VAL A 450 42.52 45.06 -12.90
N VAL A 451 43.71 44.57 -12.68
CA VAL A 451 43.93 43.43 -11.75
C VAL A 451 43.18 43.69 -10.43
N GLY A 452 42.53 42.63 -9.96
CA GLY A 452 42.01 42.57 -8.58
C GLY A 452 40.78 41.66 -8.48
N VAL A 453 40.00 41.86 -7.41
CA VAL A 453 38.87 41.03 -7.07
C VAL A 453 37.57 41.78 -7.17
N TYR A 454 36.64 41.26 -7.97
CA TYR A 454 35.41 41.99 -8.24
C TYR A 454 34.19 41.14 -7.74
N GLU A 455 33.32 41.75 -6.97
CA GLU A 455 32.19 41.01 -6.42
C GLU A 455 30.92 41.37 -7.18
N LEU A 456 30.11 40.38 -7.46
CA LEU A 456 28.93 40.53 -8.19
C LEU A 456 27.80 39.92 -7.38
N THR A 457 26.68 40.65 -7.32
CA THR A 457 25.49 40.15 -6.66
C THR A 457 24.46 39.90 -7.73
N TYR A 458 23.96 38.68 -7.77
CA TYR A 458 22.97 38.30 -8.73
C TYR A 458 21.68 38.20 -8.03
N GLN A 459 20.70 38.90 -8.58
CA GLN A 459 19.37 38.92 -7.99
C GLN A 459 18.39 38.26 -8.97
N LEU A 460 17.61 37.29 -8.52
CA LEU A 460 16.62 36.63 -9.41
C LEU A 460 15.29 37.10 -8.97
N PHE A 461 14.49 37.68 -9.85
CA PHE A 461 13.10 38.07 -9.44
C PHE A 461 12.10 37.08 -10.05
N TYR A 462 11.11 36.64 -9.29
CA TYR A 462 10.14 35.69 -9.84
C TYR A 462 8.76 35.80 -9.19
N GLY A 463 7.85 34.95 -9.73
CA GLY A 463 6.52 34.76 -9.21
C GLY A 463 5.70 35.88 -9.75
N GLN A 464 4.55 36.07 -9.12
CA GLN A 464 3.56 37.00 -9.60
C GLN A 464 4.15 38.40 -9.58
N ASP A 465 4.04 39.09 -10.71
CA ASP A 465 4.62 40.44 -10.83
C ASP A 465 6.10 40.51 -10.34
N ASN A 466 6.83 39.38 -10.30
CA ASN A 466 8.27 39.40 -9.98
C ASN A 466 8.65 40.01 -8.66
N GLN A 467 7.77 39.81 -7.71
CA GLN A 467 7.91 40.40 -6.42
C GLN A 467 8.58 39.46 -5.43
N GLN A 468 8.89 38.21 -5.82
CA GLN A 468 9.77 37.41 -5.00
C GLN A 468 11.13 37.42 -5.55
N ASN A 469 12.08 37.17 -4.68
CA ASN A 469 13.46 37.45 -4.97
C ASN A 469 14.44 36.45 -4.30
N MET A 470 15.41 36.02 -5.06
CA MET A 470 16.46 35.17 -4.54
C MET A 470 17.82 35.87 -4.87
N THR A 471 18.82 35.73 -4.00
CA THR A 471 20.12 36.42 -4.17
C THR A 471 21.28 35.48 -4.05
N ASP A 472 22.23 35.57 -4.96
CA ASP A 472 23.47 34.85 -4.82
C ASP A 472 24.69 35.73 -5.16
N LYS A 473 25.84 35.42 -4.60
CA LYS A 473 27.04 36.20 -4.85
C LYS A 473 28.15 35.43 -5.54
N ARG A 474 29.01 36.20 -6.21
CA ARG A 474 30.10 35.66 -6.94
C ARG A 474 31.34 36.61 -7.01
N ILE A 475 32.52 36.00 -6.95
CA ILE A 475 33.78 36.68 -6.99
C ILE A 475 34.46 36.38 -8.33
N VAL A 476 34.80 37.43 -9.03
CA VAL A 476 35.55 37.34 -10.28
C VAL A 476 36.92 38.06 -10.07
N THR A 477 37.96 37.27 -10.12
CA THR A 477 39.33 37.71 -9.95
C THR A 477 39.98 37.85 -11.32
N VAL A 478 40.51 39.05 -11.57
CA VAL A 478 41.25 39.48 -12.77
C VAL A 478 42.70 39.40 -12.39
N VAL A 479 43.43 38.47 -13.03
CA VAL A 479 44.84 38.31 -12.84
C VAL A 479 45.66 38.75 -14.08
N THR A 480 46.85 39.24 -13.81
CA THR A 480 47.82 39.47 -14.86
C THR A 480 48.29 38.18 -15.53
N ASP A 481 48.60 38.26 -16.80
CA ASP A 481 49.35 37.20 -17.46
C ASP A 481 50.86 37.42 -17.41
N ALA A 482 51.31 38.56 -16.88
CA ALA A 482 52.73 38.89 -16.87
C ALA A 482 53.39 38.05 -15.78
N VAL A 483 54.46 37.33 -16.09
CA VAL A 483 55.15 36.53 -15.05
C VAL A 483 56.19 37.43 -14.39
N SER A 484 56.67 36.95 -13.26
CA SER A 484 57.53 37.77 -12.43
C SER A 484 58.42 36.84 -11.63
N ASP A 485 59.31 37.46 -10.84
CA ASP A 485 60.29 36.74 -10.02
C ASP A 485 59.62 35.70 -9.16
N ASP A 486 60.39 34.69 -8.77
CA ASP A 486 59.83 33.64 -7.99
C ASP A 486 59.57 34.05 -6.60
N ASP A 487 58.58 33.39 -6.07
CA ASP A 487 58.18 33.61 -4.73
C ASP A 487 59.30 33.24 -3.77
N TRP A 488 59.52 34.09 -2.77
CA TRP A 488 60.45 33.77 -1.73
C TRP A 488 60.03 32.51 -0.99
N GLN A 489 60.99 31.70 -0.58
CA GLN A 489 60.79 30.49 0.23
C GLN A 489 61.68 30.47 1.43
N VAL A 490 61.12 30.12 2.58
CA VAL A 490 61.85 30.21 3.82
C VAL A 490 62.98 29.24 3.75
N GLY A 491 62.80 28.13 3.04
CA GLY A 491 63.82 27.07 3.02
C GLY A 491 64.90 27.25 1.98
N SER A 492 64.80 28.26 1.13
CA SER A 492 65.80 28.47 0.07
C SER A 492 66.96 29.37 0.53
N THR A 493 68.08 29.26 -0.19
CA THR A 493 69.25 30.12 -0.07
C THR A 493 69.42 31.13 -1.20
N TYR A 494 69.62 32.38 -0.87
CA TYR A 494 69.77 33.38 -1.89
C TYR A 494 71.12 34.04 -1.69
N VAL A 495 71.56 34.77 -2.72
CA VAL A 495 72.83 35.45 -2.69
C VAL A 495 72.64 36.83 -3.27
N LYS A 496 73.69 37.62 -3.21
CA LYS A 496 73.57 38.98 -3.62
C LYS A 496 72.99 39.10 -5.02
N ASP A 497 72.01 40.00 -5.17
CA ASP A 497 71.31 40.24 -6.44
C ASP A 497 70.25 39.20 -6.86
N ASP A 498 70.08 38.10 -6.14
CA ASP A 498 68.89 37.29 -6.32
C ASP A 498 67.65 38.17 -6.03
N LYS A 499 66.63 38.08 -6.89
CA LYS A 499 65.35 38.72 -6.70
C LYS A 499 64.21 37.72 -6.35
N VAL A 500 63.27 38.15 -5.52
CA VAL A 500 62.16 37.32 -5.15
C VAL A 500 60.93 38.19 -5.13
N THR A 501 59.74 37.57 -5.26
CA THR A 501 58.49 38.22 -5.03
C THR A 501 58.08 37.82 -3.60
N HIS A 502 57.48 38.75 -2.86
CA HIS A 502 56.94 38.39 -1.55
C HIS A 502 56.05 39.54 -1.00
N ASN A 503 54.84 39.18 -0.61
CA ASN A 503 53.89 40.12 -0.07
C ASN A 503 53.69 41.28 -1.06
N GLY A 504 53.53 40.92 -2.31
CA GLY A 504 53.25 41.82 -3.38
C GLY A 504 54.41 42.64 -3.90
N ALA A 505 55.62 42.53 -3.36
CA ALA A 505 56.77 43.35 -3.82
C ALA A 505 57.86 42.45 -4.31
N THR A 506 58.74 43.04 -5.11
CA THR A 506 59.99 42.46 -5.54
C THR A 506 61.20 42.93 -4.71
N TRP A 507 61.94 42.01 -4.11
CA TRP A 507 63.03 42.35 -3.23
C TRP A 507 64.35 41.79 -3.77
N THR A 508 65.47 42.47 -3.47
CA THR A 508 66.77 42.02 -3.92
C THR A 508 67.65 41.82 -2.70
N ALA A 509 68.32 40.67 -2.69
CA ALA A 509 69.22 40.28 -1.65
C ALA A 509 70.48 41.09 -1.77
N GLN A 510 71.04 41.43 -0.63
CA GLN A 510 72.31 42.18 -0.54
C GLN A 510 73.49 41.25 -0.25
N TRP A 511 73.20 40.06 0.25
CA TRP A 511 74.22 39.08 0.60
C TRP A 511 73.53 37.76 0.91
N TRP A 512 74.33 36.76 1.25
CA TRP A 512 73.85 35.40 1.47
C TRP A 512 72.83 35.36 2.58
N THR A 513 71.73 34.65 2.31
CA THR A 513 70.61 34.64 3.21
C THR A 513 69.82 33.36 3.02
N LYS A 514 69.29 32.90 4.13
CA LYS A 514 68.41 31.78 4.16
C LYS A 514 67.59 31.98 5.40
N GLY A 515 66.29 32.04 5.20
CA GLY A 515 65.36 32.05 6.30
C GLY A 515 64.95 33.42 6.72
N GLU A 516 65.27 34.44 5.93
CA GLU A 516 64.99 35.78 6.33
C GLU A 516 63.88 36.31 5.46
N GLU A 517 62.78 36.72 6.10
CA GLU A 517 61.56 37.04 5.41
C GLU A 517 61.63 38.46 4.89
N PRO A 518 61.42 38.64 3.56
CA PRO A 518 61.51 39.95 3.00
C PRO A 518 60.45 40.84 3.64
N GLY A 519 60.84 42.09 3.92
CA GLY A 519 60.02 42.98 4.71
C GLY A 519 60.24 42.97 6.20
N THR A 520 60.94 41.93 6.72
CA THR A 520 61.15 41.85 8.17
C THR A 520 62.57 42.25 8.61
N THR A 521 63.44 42.64 7.67
CA THR A 521 64.87 42.84 7.93
C THR A 521 65.26 44.34 8.05
N GLY A 522 64.27 45.23 8.14
CA GLY A 522 64.55 46.61 8.53
C GLY A 522 65.10 47.45 7.38
N GLU A 523 65.68 48.58 7.74
CA GLU A 523 66.28 49.50 6.79
C GLU A 523 67.58 49.04 6.18
N TRP A 524 68.40 48.34 6.95
CA TRP A 524 69.76 48.00 6.48
C TRP A 524 70.06 46.50 6.49
N GLY A 525 69.00 45.69 6.49
CA GLY A 525 69.07 44.22 6.36
C GLY A 525 69.30 43.67 4.94
N VAL A 526 69.13 42.36 4.80
CA VAL A 526 69.59 41.64 3.57
C VAL A 526 68.60 41.86 2.38
N TRP A 527 67.36 42.20 2.68
CA TRP A 527 66.39 42.35 1.62
C TRP A 527 66.11 43.78 1.41
N ARG A 528 66.19 44.20 0.14
CA ARG A 528 65.92 45.62 -0.20
C ARG A 528 64.97 45.71 -1.35
#